data_5LV5
#
_entry.id   5LV5
#
_cell.length_a   77.703
_cell.length_b   77.703
_cell.length_c   117.692
_cell.angle_alpha   90.00
_cell.angle_beta   90.00
_cell.angle_gamma   90.00
#
_symmetry.space_group_name_H-M   'I 41'
#
loop_
_entity.id
_entity.type
_entity.pdbx_description
1 polymer 'Protein arginine N-methyltransferase 6'
2 non-polymer 2-[(2~{R},3~{S},4~{R},5~{R})-5-(6-aminopurin-9-yl)-3,4-bis(oxidanyl)oxolan-2-yl]ethyl-[[4-azanyl-1-(methoxymethyl)-2-oxidanylidene-pyrimidin-5-yl]methyl]-[(3~{S})-3-azanyl-4-oxidanyl-4-oxidanylidene-butyl]azanium
3 water water
#
_entity_poly.entity_id   1
_entity_poly.type   'polypeptide(L)'
_entity_poly.pdbx_seq_one_letter_code
;MGSSHHHHHHSSGTGSGENLYFQGHMSLSKKRKLESGDSGGAGAGGEGAEEENGGEQEAAPPRPRRTKSERDQLYYECYS
DVSVHEEMIADQVRTEAYRLGILKNWAALRGKTVLDVGAGTGILSIFCAQAGARRVYAVEASAIWQQAREVVRLNGLEDR
VHVLPGPVETVELPERVDAIVSEWMGYGLLHESMLSSVLHARTKWLKEGGLLLPASAELFVAPISDQMLEWRLGFWSQVK
QHYGVDMSCMESFATRCLMGHSEIVVQDLSGEDVLARPQRFAQLELARAGLEQELEAGVGGRFRCSCYGSAPLHGFAVWF
QVTFPGGDSEKPLVLSTSPLHPATHWKQALLYLNEPVPVEQDTDISGEITLLPSPDNPRRLRILLRYKVGDHEEKTKDFA
MED
;
_entity_poly.pdbx_strand_id   A
#
loop_
_chem_comp.id
_chem_comp.type
_chem_comp.name
_chem_comp.formula
78G non-polymer 2-[(2~{R},3~{S},4~{R},5~{R})-5-(6-aminopurin-9-yl)-3,4-bis(oxidanyl)oxolan-2-yl]ethyl-[[4-azanyl-1-(methoxymethyl)-2-oxidanylidene-pyrimidin-5-yl]methyl]-[(3~{S})-3-azanyl-4-oxidanyl-4-oxidanylidene-butyl]azanium 'C22 H33 N10 O7 1'
#
# COMPACT_ATOMS: atom_id res chain seq x y z
N ASP A 81 5.20 -11.38 -14.23
CA ASP A 81 3.79 -11.36 -14.56
C ASP A 81 3.08 -12.18 -13.49
N VAL A 82 3.14 -13.52 -13.60
CA VAL A 82 2.31 -14.35 -12.74
C VAL A 82 2.81 -14.37 -11.31
N SER A 83 4.09 -14.04 -11.09
CA SER A 83 4.61 -13.93 -9.74
C SER A 83 3.72 -13.06 -8.85
N VAL A 84 3.27 -11.91 -9.36
CA VAL A 84 2.48 -11.01 -8.53
C VAL A 84 1.11 -11.61 -8.22
N HIS A 85 0.49 -12.26 -9.19
CA HIS A 85 -0.80 -12.89 -8.93
C HIS A 85 -0.66 -14.07 -7.98
N GLU A 86 0.47 -14.80 -8.07
CA GLU A 86 0.77 -15.83 -7.08
C GLU A 86 0.90 -15.23 -5.70
N GLU A 87 1.59 -14.11 -5.59
CA GLU A 87 1.82 -13.54 -4.26
C GLU A 87 0.52 -13.04 -3.67
N MET A 88 -0.39 -12.59 -4.52
CA MET A 88 -1.68 -12.12 -4.04
C MET A 88 -2.53 -13.25 -3.50
N ILE A 89 -2.65 -14.34 -4.26
CA ILE A 89 -3.53 -15.42 -3.82
C ILE A 89 -2.93 -16.15 -2.61
N ALA A 90 -1.62 -16.16 -2.50
CA ALA A 90 -0.99 -16.76 -1.34
C ALA A 90 -1.01 -15.82 -0.14
N ASP A 91 -1.47 -14.57 -0.34
CA ASP A 91 -1.57 -13.58 0.73
C ASP A 91 -2.91 -13.76 1.43
N GLN A 92 -2.91 -14.49 2.56
CA GLN A 92 -4.16 -14.78 3.23
C GLN A 92 -4.73 -13.55 3.92
N VAL A 93 -3.88 -12.61 4.30
CA VAL A 93 -4.40 -11.39 4.91
C VAL A 93 -5.20 -10.60 3.89
N ARG A 94 -4.59 -10.36 2.73
CA ARG A 94 -5.26 -9.66 1.65
C ARG A 94 -6.51 -10.38 1.22
N THR A 95 -6.40 -11.68 0.96
CA THR A 95 -7.53 -12.39 0.34
C THR A 95 -8.68 -12.53 1.31
N GLU A 96 -8.39 -12.92 2.55
CA GLU A 96 -9.45 -13.11 3.51
C GLU A 96 -10.06 -11.77 3.93
N ALA A 97 -9.24 -10.70 4.01
CA ALA A 97 -9.83 -9.39 4.32
C ALA A 97 -10.82 -8.95 3.24
N TYR A 98 -10.47 -9.11 1.97
CA TYR A 98 -11.44 -8.74 0.93
C TYR A 98 -12.65 -9.69 0.96
N ARG A 99 -12.41 -10.99 1.09
CA ARG A 99 -13.53 -11.94 1.13
C ARG A 99 -14.53 -11.56 2.21
N LEU A 100 -14.06 -11.34 3.43
CA LEU A 100 -14.94 -11.02 4.55
C LEU A 100 -15.43 -9.59 4.51
N GLY A 101 -14.62 -8.68 3.99
CA GLY A 101 -15.09 -7.32 3.81
C GLY A 101 -16.26 -7.23 2.85
N ILE A 102 -16.22 -8.05 1.79
CA ILE A 102 -17.34 -8.14 0.86
C ILE A 102 -18.51 -8.85 1.52
N LEU A 103 -18.27 -10.02 2.11
CA LEU A 103 -19.37 -10.75 2.74
C LEU A 103 -20.04 -9.94 3.83
N LYS A 104 -19.27 -9.13 4.58
CA LYS A 104 -19.81 -8.26 5.62
C LYS A 104 -20.84 -7.29 5.07
N ASN A 105 -20.79 -6.99 3.78
CA ASN A 105 -21.67 -6.02 3.14
C ASN A 105 -22.74 -6.69 2.31
N TRP A 106 -23.05 -7.95 2.63
CA TRP A 106 -24.11 -8.71 1.96
C TRP A 106 -25.40 -7.92 1.90
N ALA A 107 -25.75 -7.24 2.99
CA ALA A 107 -27.00 -6.48 3.01
C ALA A 107 -27.00 -5.38 1.96
N ALA A 108 -25.85 -4.74 1.76
CA ALA A 108 -25.72 -3.69 0.76
C ALA A 108 -25.54 -4.23 -0.65
N LEU A 109 -25.06 -5.46 -0.81
CA LEU A 109 -24.79 -6.00 -2.13
C LEU A 109 -25.89 -6.91 -2.67
N ARG A 110 -26.71 -7.50 -1.81
CA ARG A 110 -27.65 -8.51 -2.26
C ARG A 110 -28.63 -7.92 -3.27
N GLY A 111 -28.78 -8.59 -4.41
CA GLY A 111 -29.65 -8.12 -5.46
C GLY A 111 -29.22 -6.82 -6.10
N LYS A 112 -28.01 -6.35 -5.83
CA LYS A 112 -27.50 -5.08 -6.37
C LYS A 112 -26.43 -5.35 -7.43
N THR A 113 -25.89 -4.26 -7.99
CA THR A 113 -24.90 -4.34 -9.06
C THR A 113 -23.57 -3.77 -8.59
N VAL A 114 -22.48 -4.40 -9.02
CA VAL A 114 -21.15 -4.07 -8.54
C VAL A 114 -20.23 -3.88 -9.73
N LEU A 115 -19.34 -2.91 -9.62
CA LEU A 115 -18.21 -2.75 -10.54
C LEU A 115 -16.93 -3.07 -9.78
N ASP A 116 -16.14 -4.01 -10.31
CA ASP A 116 -14.83 -4.39 -9.75
C ASP A 116 -13.78 -3.74 -10.66
N VAL A 117 -13.14 -2.69 -10.16
CA VAL A 117 -12.16 -1.94 -10.95
C VAL A 117 -10.78 -2.61 -10.84
N GLY A 118 -10.26 -3.07 -11.98
CA GLY A 118 -8.99 -3.79 -12.01
C GLY A 118 -9.18 -5.18 -11.43
N ALA A 119 -10.06 -5.92 -12.07
CA ALA A 119 -10.54 -7.18 -11.53
C ALA A 119 -9.51 -8.29 -11.60
N GLY A 120 -8.44 -8.07 -12.33
CA GLY A 120 -7.37 -9.05 -12.44
C GLY A 120 -7.84 -10.45 -12.81
N THR A 121 -7.55 -11.45 -11.97
CA THR A 121 -8.03 -12.79 -12.25
C THR A 121 -9.46 -13.03 -11.76
N GLY A 122 -10.13 -12.05 -11.14
CA GLY A 122 -11.56 -12.11 -10.97
C GLY A 122 -12.06 -12.50 -9.58
N ILE A 123 -11.18 -12.83 -8.63
CA ILE A 123 -11.67 -13.41 -7.38
C ILE A 123 -12.61 -12.46 -6.64
N LEU A 124 -12.31 -11.15 -6.66
CA LEU A 124 -13.19 -10.24 -5.93
C LEU A 124 -14.56 -10.16 -6.57
N SER A 125 -14.63 -10.30 -7.90
CA SER A 125 -15.93 -10.27 -8.55
C SER A 125 -16.74 -11.50 -8.20
N ILE A 126 -16.08 -12.65 -8.08
CA ILE A 126 -16.76 -13.86 -7.62
C ILE A 126 -17.23 -13.70 -6.17
N PHE A 127 -16.36 -13.22 -5.29
CA PHE A 127 -16.78 -12.94 -3.92
C PHE A 127 -18.06 -12.11 -3.89
N CYS A 128 -18.15 -11.04 -4.72
CA CYS A 128 -19.35 -10.20 -4.70
C CYS A 128 -20.58 -10.97 -5.14
N ALA A 129 -20.45 -11.76 -6.21
CA ALA A 129 -21.57 -12.59 -6.64
C ALA A 129 -21.98 -13.55 -5.54
N GLN A 130 -21.02 -14.12 -4.83
CA GLN A 130 -21.32 -15.03 -3.73
C GLN A 130 -21.91 -14.29 -2.54
N ALA A 131 -21.64 -13.00 -2.41
CA ALA A 131 -22.32 -12.20 -1.42
C ALA A 131 -23.71 -11.80 -1.86
N GLY A 132 -24.16 -12.26 -3.02
CA GLY A 132 -25.51 -12.01 -3.45
C GLY A 132 -25.71 -10.98 -4.54
N ALA A 133 -24.65 -10.36 -5.06
CA ALA A 133 -24.88 -9.37 -6.10
C ALA A 133 -25.62 -9.97 -7.29
N ARG A 134 -26.53 -9.19 -7.88
CA ARG A 134 -27.23 -9.70 -9.05
C ARG A 134 -26.38 -9.60 -10.31
N ARG A 135 -25.51 -8.60 -10.41
CA ARG A 135 -24.67 -8.46 -11.58
C ARG A 135 -23.39 -7.78 -11.15
N VAL A 136 -22.29 -8.26 -11.71
CA VAL A 136 -20.97 -7.75 -11.41
C VAL A 136 -20.26 -7.52 -12.73
N TYR A 137 -19.70 -6.33 -12.88
CA TYR A 137 -18.91 -5.96 -14.02
C TYR A 137 -17.46 -5.92 -13.59
N ALA A 138 -16.68 -6.85 -14.14
CA ALA A 138 -15.28 -7.02 -13.78
C ALA A 138 -14.46 -6.40 -14.92
N VAL A 139 -13.88 -5.25 -14.65
CA VAL A 139 -13.16 -4.49 -15.67
C VAL A 139 -11.65 -4.63 -15.42
N GLU A 140 -10.90 -5.06 -16.43
CA GLU A 140 -9.49 -5.32 -16.22
C GLU A 140 -8.73 -4.89 -17.47
N ALA A 141 -7.74 -4.01 -17.29
CA ALA A 141 -6.98 -3.48 -18.42
C ALA A 141 -5.84 -4.38 -18.90
N SER A 142 -5.26 -5.22 -18.03
CA SER A 142 -4.14 -6.05 -18.41
C SER A 142 -4.61 -7.28 -19.19
N ALA A 143 -3.64 -8.04 -19.72
CA ALA A 143 -3.97 -9.20 -20.53
C ALA A 143 -4.64 -10.30 -19.73
N ILE A 144 -4.48 -10.28 -18.41
CA ILE A 144 -5.01 -11.34 -17.57
C ILE A 144 -6.53 -11.33 -17.49
N TRP A 145 -7.19 -10.35 -18.09
CA TRP A 145 -8.65 -10.36 -18.12
C TRP A 145 -9.20 -11.67 -18.67
N GLN A 146 -8.49 -12.31 -19.60
CA GLN A 146 -9.01 -13.55 -20.18
C GLN A 146 -9.12 -14.66 -19.14
N GLN A 147 -8.19 -14.66 -18.17
CA GLN A 147 -8.27 -15.64 -17.09
C GLN A 147 -9.45 -15.37 -16.18
N ALA A 148 -9.76 -14.10 -15.91
CA ALA A 148 -10.95 -13.79 -15.13
C ALA A 148 -12.19 -14.36 -15.80
N ARG A 149 -12.28 -14.22 -17.10
CA ARG A 149 -13.46 -14.72 -17.79
C ARG A 149 -13.58 -16.22 -17.65
N GLU A 150 -12.44 -16.93 -17.67
CA GLU A 150 -12.48 -18.37 -17.51
C GLU A 150 -12.79 -18.76 -16.07
N VAL A 151 -12.28 -17.98 -15.10
CA VAL A 151 -12.64 -18.19 -13.68
C VAL A 151 -14.14 -18.07 -13.51
N VAL A 152 -14.72 -17.00 -14.08
CA VAL A 152 -16.17 -16.79 -14.01
C VAL A 152 -16.90 -18.00 -14.57
N ARG A 153 -16.46 -18.48 -15.72
CA ARG A 153 -17.13 -19.61 -16.34
C ARG A 153 -17.01 -20.86 -15.49
N LEU A 154 -15.83 -21.10 -14.91
CA LEU A 154 -15.62 -22.30 -14.10
C LEU A 154 -16.50 -22.30 -12.87
N ASN A 155 -16.85 -21.12 -12.38
CA ASN A 155 -17.71 -21.01 -11.21
C ASN A 155 -19.18 -20.90 -11.57
N GLY A 156 -19.53 -21.04 -12.85
CA GLY A 156 -20.94 -21.06 -13.23
C GLY A 156 -21.61 -19.71 -13.14
N LEU A 157 -20.87 -18.63 -13.29
CA LEU A 157 -21.37 -17.29 -13.05
C LEU A 157 -21.39 -16.41 -14.30
N GLU A 158 -21.25 -17.01 -15.48
CA GLU A 158 -21.20 -16.21 -16.70
C GLU A 158 -22.49 -15.42 -16.92
N ASP A 159 -23.59 -15.80 -16.29
CA ASP A 159 -24.84 -15.09 -16.46
C ASP A 159 -24.91 -13.81 -15.65
N ARG A 160 -24.13 -13.67 -14.58
CA ARG A 160 -24.18 -12.44 -13.80
C ARG A 160 -22.84 -11.78 -13.51
N VAL A 161 -21.71 -12.36 -13.89
CA VAL A 161 -20.42 -11.67 -13.80
C VAL A 161 -19.90 -11.51 -15.22
N HIS A 162 -19.72 -10.26 -15.63
CA HIS A 162 -19.33 -9.95 -17.00
C HIS A 162 -17.95 -9.31 -16.98
N VAL A 163 -17.02 -9.94 -17.68
CA VAL A 163 -15.64 -9.46 -17.69
C VAL A 163 -15.46 -8.55 -18.89
N LEU A 164 -14.97 -7.35 -18.63
CA LEU A 164 -14.85 -6.35 -19.69
C LEU A 164 -13.41 -5.90 -19.79
N PRO A 165 -12.74 -6.08 -20.92
CA PRO A 165 -11.35 -5.67 -21.02
C PRO A 165 -11.23 -4.17 -21.24
N GLY A 166 -10.07 -3.65 -20.87
CA GLY A 166 -9.75 -2.26 -21.13
C GLY A 166 -9.84 -1.40 -19.88
N PRO A 167 -9.50 -0.14 -20.04
CA PRO A 167 -9.48 0.75 -18.89
C PRO A 167 -10.90 1.08 -18.48
N VAL A 168 -11.09 1.24 -17.17
CA VAL A 168 -12.41 1.59 -16.69
C VAL A 168 -12.80 2.98 -17.15
N GLU A 169 -11.83 3.84 -17.47
CA GLU A 169 -12.14 5.19 -17.93
C GLU A 169 -12.95 5.18 -19.23
N THR A 170 -12.88 4.12 -20.05
CA THR A 170 -13.62 4.09 -21.29
C THR A 170 -14.51 2.86 -21.43
N VAL A 171 -14.57 1.98 -20.42
CA VAL A 171 -15.48 0.85 -20.51
C VAL A 171 -16.90 1.37 -20.65
N GLU A 172 -17.76 0.56 -21.28
CA GLU A 172 -19.18 0.88 -21.34
C GLU A 172 -19.98 -0.15 -20.57
N LEU A 173 -20.53 0.26 -19.50
CA LEU A 173 -21.44 -0.58 -18.77
C LEU A 173 -22.88 -0.25 -19.18
N PRO A 174 -23.78 -1.23 -19.11
CA PRO A 174 -25.17 -0.97 -19.48
C PRO A 174 -25.95 -0.20 -18.43
N GLU A 175 -25.38 0.05 -17.27
CA GLU A 175 -26.09 0.69 -16.17
C GLU A 175 -25.07 1.24 -15.18
N ARG A 176 -25.50 2.22 -14.38
CA ARG A 176 -24.71 2.59 -13.21
C ARG A 176 -24.85 1.52 -12.13
N VAL A 177 -23.89 1.51 -11.20
CA VAL A 177 -23.78 0.44 -10.22
C VAL A 177 -24.01 0.94 -8.79
N ASP A 178 -24.37 0.00 -7.93
CA ASP A 178 -24.65 0.27 -6.53
C ASP A 178 -23.40 0.27 -5.69
N ALA A 179 -22.33 -0.35 -6.18
CA ALA A 179 -21.12 -0.47 -5.41
C ALA A 179 -19.93 -0.62 -6.33
N ILE A 180 -18.78 -0.14 -5.85
CA ILE A 180 -17.50 -0.43 -6.46
C ILE A 180 -16.62 -1.16 -5.46
N VAL A 181 -15.95 -2.22 -5.92
CA VAL A 181 -14.91 -2.89 -5.16
C VAL A 181 -13.63 -2.79 -5.97
N SER A 182 -12.52 -2.65 -5.26
CA SER A 182 -11.28 -2.60 -6.02
C SER A 182 -10.13 -2.88 -5.08
N GLU A 183 -9.15 -3.58 -5.60
CA GLU A 183 -7.86 -3.81 -4.95
C GLU A 183 -6.85 -2.93 -5.69
N TRP A 184 -6.85 -1.66 -5.33
CA TRP A 184 -6.11 -0.63 -6.02
C TRP A 184 -4.82 -0.27 -5.33
N MET A 185 -4.59 -0.75 -4.09
CA MET A 185 -3.42 -0.31 -3.34
C MET A 185 -2.13 -0.86 -3.93
N GLY A 186 -1.14 0.03 -4.03
CA GLY A 186 0.20 -0.34 -4.40
C GLY A 186 1.14 -0.28 -3.22
N TYR A 187 2.40 -0.59 -3.52
CA TYR A 187 3.44 -0.40 -2.53
C TYR A 187 3.40 1.03 -2.06
N GLY A 188 3.60 1.23 -0.75
CA GLY A 188 3.47 2.58 -0.20
C GLY A 188 2.12 3.20 -0.46
N LEU A 189 1.10 2.34 -0.58
CA LEU A 189 -0.30 2.67 -0.86
C LEU A 189 -0.51 3.15 -2.28
N LEU A 190 0.28 4.14 -2.72
CA LEU A 190 -0.06 4.85 -3.95
C LEU A 190 0.87 4.56 -5.13
N HIS A 191 1.87 3.72 -4.98
CA HIS A 191 2.68 3.39 -6.16
C HIS A 191 1.82 2.63 -7.15
N GLU A 192 1.91 2.98 -8.43
N GLU A 192 1.86 3.10 -8.41
CA GLU A 192 1.16 2.22 -9.43
CA GLU A 192 1.04 2.70 -9.57
C GLU A 192 -0.21 1.81 -8.89
C GLU A 192 -0.11 3.69 -9.85
N SER A 193 -0.77 2.56 -7.94
N SER A 193 -0.41 4.56 -8.89
CA SER A 193 -2.09 2.28 -7.39
CA SER A 193 -1.40 5.65 -9.06
C SER A 193 -3.13 2.71 -8.40
C SER A 193 -2.80 5.15 -9.43
N MET A 194 -4.24 1.98 -8.45
N MET A 194 -3.15 3.93 -9.03
CA MET A 194 -5.32 2.32 -9.35
CA MET A 194 -4.41 3.36 -9.50
C MET A 194 -6.25 3.38 -8.80
C MET A 194 -5.63 3.96 -8.82
N LEU A 195 -5.87 4.08 -7.73
N LEU A 195 -5.49 4.62 -7.65
CA LEU A 195 -6.83 4.95 -7.07
CA LEU A 195 -6.67 5.11 -6.96
C LEU A 195 -7.51 5.92 -8.05
C LEU A 195 -7.44 6.11 -7.83
N SER A 196 -6.75 6.77 -8.76
CA SER A 196 -7.39 7.75 -9.64
C SER A 196 -8.42 7.10 -10.56
N SER A 197 -8.16 5.87 -10.98
CA SER A 197 -9.09 5.14 -11.84
C SER A 197 -10.33 4.73 -11.07
N VAL A 198 -10.17 4.35 -9.80
CA VAL A 198 -11.32 4.03 -8.97
C VAL A 198 -12.16 5.29 -8.78
N LEU A 199 -11.50 6.41 -8.53
CA LEU A 199 -12.23 7.66 -8.35
C LEU A 199 -12.94 8.08 -9.63
N HIS A 200 -12.31 7.89 -10.80
CA HIS A 200 -12.97 8.18 -12.08
C HIS A 200 -14.20 7.30 -12.26
N ALA A 201 -14.09 6.02 -11.92
CA ALA A 201 -15.26 5.12 -12.03
C ALA A 201 -16.34 5.49 -11.03
N ARG A 202 -15.98 5.93 -9.84
CA ARG A 202 -16.98 6.39 -8.87
C ARG A 202 -17.79 7.56 -9.45
N THR A 203 -17.11 8.59 -9.94
CA THR A 203 -17.81 9.73 -10.53
C THR A 203 -18.65 9.32 -11.72
N LYS A 204 -18.13 8.44 -12.56
CA LYS A 204 -18.84 8.09 -13.79
C LYS A 204 -19.95 7.07 -13.59
N TRP A 205 -19.72 6.01 -12.80
CA TRP A 205 -20.59 4.83 -12.81
C TRP A 205 -21.31 4.54 -11.49
N LEU A 206 -20.90 5.13 -10.39
CA LEU A 206 -21.50 4.78 -9.09
C LEU A 206 -22.77 5.58 -8.87
N LYS A 207 -23.87 4.89 -8.56
CA LYS A 207 -25.09 5.60 -8.18
C LYS A 207 -24.86 6.48 -6.95
N GLU A 208 -25.73 7.46 -6.81
CA GLU A 208 -25.67 8.41 -5.71
C GLU A 208 -25.85 7.65 -4.40
N GLY A 209 -24.93 7.85 -3.47
CA GLY A 209 -24.95 7.12 -2.21
C GLY A 209 -24.44 5.71 -2.29
N GLY A 210 -23.83 5.33 -3.40
CA GLY A 210 -23.34 3.98 -3.58
C GLY A 210 -22.14 3.68 -2.71
N LEU A 211 -21.79 2.40 -2.69
CA LEU A 211 -20.80 1.86 -1.77
C LEU A 211 -19.45 1.72 -2.47
N LEU A 212 -18.39 2.05 -1.74
CA LEU A 212 -17.02 1.78 -2.15
C LEU A 212 -16.36 0.83 -1.17
N LEU A 213 -15.72 -0.19 -1.69
CA LEU A 213 -15.03 -1.18 -0.86
C LEU A 213 -13.59 -1.32 -1.34
N PRO A 214 -12.58 -1.07 -0.47
CA PRO A 214 -12.70 -0.51 0.89
C PRO A 214 -13.13 0.95 0.79
N ALA A 215 -13.57 1.52 1.90
CA ALA A 215 -14.07 2.89 1.90
C ALA A 215 -13.02 3.92 2.28
N SER A 216 -11.99 3.53 3.04
CA SER A 216 -11.00 4.49 3.48
C SER A 216 -9.66 3.82 3.59
N ALA A 217 -8.63 4.65 3.69
CA ALA A 217 -7.25 4.22 3.84
C ALA A 217 -6.59 5.15 4.83
N GLU A 218 -5.67 4.63 5.60
CA GLU A 218 -4.90 5.44 6.53
C GLU A 218 -3.44 5.14 6.31
N LEU A 219 -2.62 6.15 6.46
CA LEU A 219 -1.20 6.05 6.22
C LEU A 219 -0.47 6.21 7.54
N PHE A 220 0.58 5.40 7.75
CA PHE A 220 1.33 5.39 8.99
C PHE A 220 2.82 5.45 8.69
N VAL A 221 3.55 6.04 9.63
CA VAL A 221 4.99 6.16 9.55
C VAL A 221 5.55 5.79 10.93
N ALA A 222 6.69 5.12 10.93
CA ALA A 222 7.42 4.92 12.16
C ALA A 222 8.90 5.00 11.86
N PRO A 223 9.68 5.55 12.79
CA PRO A 223 11.13 5.42 12.68
C PRO A 223 11.48 3.96 12.85
N ILE A 224 12.54 3.53 12.18
CA ILE A 224 12.95 2.14 12.22
C ILE A 224 14.43 2.01 12.51
N SER A 225 14.77 0.94 13.23
CA SER A 225 16.12 0.40 13.31
C SER A 225 15.99 -0.98 12.68
N ASP A 226 16.32 -1.05 11.40
CA ASP A 226 16.12 -2.22 10.57
C ASP A 226 17.17 -3.24 10.97
N GLN A 227 16.75 -4.28 11.70
CA GLN A 227 17.70 -5.24 12.27
C GLN A 227 18.48 -5.96 11.19
N MET A 228 17.80 -6.31 10.09
CA MET A 228 18.48 -6.98 8.98
C MET A 228 19.52 -6.05 8.35
N LEU A 229 19.14 -4.81 8.08
CA LEU A 229 20.11 -3.84 7.58
C LEU A 229 21.27 -3.66 8.56
N GLU A 230 20.97 -3.55 9.85
CA GLU A 230 22.05 -3.43 10.83
C GLU A 230 23.02 -4.59 10.75
N TRP A 231 22.48 -5.80 10.61
CA TRP A 231 23.31 -6.99 10.49
C TRP A 231 24.13 -6.98 9.19
N ARG A 232 23.50 -6.69 8.07
CA ARG A 232 24.19 -6.69 6.78
C ARG A 232 25.32 -5.68 6.76
N LEU A 233 25.08 -4.48 7.27
CA LEU A 233 26.14 -3.48 7.30
C LEU A 233 27.24 -3.85 8.30
N GLY A 234 26.84 -4.29 9.49
CA GLY A 234 27.80 -4.60 10.54
C GLY A 234 28.60 -5.86 10.29
N PHE A 235 28.13 -6.74 9.43
CA PHE A 235 28.84 -8.00 9.22
C PHE A 235 30.22 -7.77 8.64
N TRP A 236 30.40 -6.73 7.83
CA TRP A 236 31.73 -6.47 7.30
C TRP A 236 32.75 -6.27 8.42
N SER A 237 32.35 -5.62 9.49
CA SER A 237 33.21 -5.44 10.63
C SER A 237 33.28 -6.69 11.51
N GLN A 238 32.52 -7.76 11.21
CA GLN A 238 32.59 -9.05 11.88
C GLN A 238 33.42 -10.08 11.11
N VAL A 239 33.90 -9.74 9.91
CA VAL A 239 34.62 -10.72 9.11
C VAL A 239 35.89 -11.14 9.82
N LYS A 240 36.53 -10.22 10.53
CA LYS A 240 37.75 -10.58 11.25
C LYS A 240 37.48 -11.75 12.19
N GLN A 241 36.33 -11.74 12.87
CA GLN A 241 35.92 -12.76 13.84
C GLN A 241 35.37 -14.03 13.21
N HIS A 242 35.09 -14.03 11.91
CA HIS A 242 34.59 -15.23 11.23
C HIS A 242 35.57 -15.84 10.25
N TYR A 243 36.38 -15.01 9.60
CA TYR A 243 37.35 -15.49 8.61
C TYR A 243 38.76 -15.00 8.85
N GLY A 244 39.01 -14.18 9.87
CA GLY A 244 40.38 -13.77 10.12
C GLY A 244 40.88 -12.67 9.25
N VAL A 245 39.99 -11.94 8.59
CA VAL A 245 40.35 -10.84 7.67
C VAL A 245 39.54 -9.61 8.07
N ASP A 246 40.23 -8.50 8.33
CA ASP A 246 39.52 -7.25 8.61
C ASP A 246 38.94 -6.67 7.32
N MET A 247 37.62 -6.51 7.31
CA MET A 247 36.93 -5.93 6.16
C MET A 247 36.04 -4.78 6.60
N SER A 248 36.32 -4.20 7.76
CA SER A 248 35.44 -3.19 8.31
C SER A 248 35.23 -2.01 7.34
N CYS A 249 36.20 -1.75 6.45
CA CYS A 249 36.03 -0.68 5.47
C CYS A 249 34.82 -0.91 4.59
N MET A 250 34.41 -2.15 4.41
CA MET A 250 33.25 -2.41 3.57
C MET A 250 31.94 -1.97 4.23
N GLU A 251 31.94 -1.76 5.54
CA GLU A 251 30.73 -1.24 6.17
C GLU A 251 30.37 0.13 5.63
N SER A 252 31.36 1.02 5.48
CA SER A 252 31.07 2.36 4.98
C SER A 252 30.64 2.31 3.52
N PHE A 253 31.34 1.52 2.73
CA PHE A 253 30.96 1.33 1.34
C PHE A 253 29.53 0.83 1.23
N ALA A 254 29.21 -0.20 2.00
CA ALA A 254 27.88 -0.79 1.98
C ALA A 254 26.84 0.23 2.43
N THR A 255 27.20 1.06 3.41
CA THR A 255 26.26 2.06 3.89
C THR A 255 25.93 3.04 2.76
N ARG A 256 26.97 3.52 2.06
CA ARG A 256 26.75 4.43 0.93
C ARG A 256 25.87 3.77 -0.12
N CYS A 257 26.12 2.51 -0.43
CA CYS A 257 25.38 1.82 -1.47
C CYS A 257 23.95 1.54 -1.05
N LEU A 258 23.73 1.11 0.19
CA LEU A 258 22.42 0.65 0.63
C LEU A 258 21.56 1.76 1.21
N MET A 259 22.15 2.84 1.68
CA MET A 259 21.41 3.95 2.30
C MET A 259 21.57 5.28 1.60
N GLY A 260 22.68 5.52 0.87
CA GLY A 260 22.97 6.82 0.29
C GLY A 260 22.44 7.00 -1.12
N HIS A 261 21.29 6.41 -1.39
CA HIS A 261 20.56 6.58 -2.64
C HIS A 261 19.24 7.25 -2.25
N SER A 262 18.40 7.56 -3.22
CA SER A 262 17.11 8.18 -2.94
C SER A 262 15.95 7.34 -3.47
N GLU A 263 16.10 6.01 -3.40
CA GLU A 263 15.04 5.11 -3.81
C GLU A 263 14.23 4.65 -2.60
N ILE A 264 12.91 4.56 -2.78
CA ILE A 264 12.06 3.87 -1.81
C ILE A 264 12.34 2.38 -1.93
N VAL A 265 12.60 1.74 -0.79
CA VAL A 265 12.91 0.32 -0.75
C VAL A 265 11.68 -0.41 -0.22
N VAL A 266 11.23 -1.43 -0.94
CA VAL A 266 10.09 -2.22 -0.47
C VAL A 266 10.67 -3.45 0.21
N GLN A 267 10.41 -3.58 1.50
CA GLN A 267 10.92 -4.67 2.31
C GLN A 267 9.96 -4.89 3.47
N ASP A 268 9.90 -6.12 3.95
CA ASP A 268 9.05 -6.42 5.11
C ASP A 268 9.88 -6.31 6.36
N LEU A 269 9.34 -5.63 7.35
CA LEU A 269 9.93 -5.50 8.67
C LEU A 269 9.07 -6.26 9.66
N SER A 270 9.49 -6.27 10.91
CA SER A 270 8.70 -6.82 11.98
C SER A 270 8.69 -5.83 13.12
N GLY A 271 7.98 -6.17 14.19
CA GLY A 271 7.89 -5.24 15.31
C GLY A 271 9.24 -4.91 15.89
N GLU A 272 10.19 -5.83 15.77
CA GLU A 272 11.54 -5.61 16.27
C GLU A 272 12.26 -4.44 15.59
N ASP A 273 11.79 -4.02 14.44
CA ASP A 273 12.45 -2.94 13.71
C ASP A 273 11.86 -1.57 14.02
N VAL A 274 10.72 -1.54 14.72
CA VAL A 274 9.98 -0.30 14.95
C VAL A 274 10.57 0.39 16.17
N LEU A 275 10.96 1.64 16.00
CA LEU A 275 11.74 2.34 17.01
C LEU A 275 10.92 3.35 17.82
N ALA A 276 9.66 3.59 17.45
CA ALA A 276 8.76 4.42 18.25
C ALA A 276 7.36 4.07 17.83
N ARG A 277 6.38 4.56 18.60
CA ARG A 277 4.99 4.27 18.29
C ARG A 277 4.67 4.73 16.88
N PRO A 278 4.08 3.89 16.03
CA PRO A 278 3.71 4.36 14.70
C PRO A 278 2.69 5.48 14.80
N GLN A 279 2.79 6.42 13.85
CA GLN A 279 1.98 7.61 13.82
C GLN A 279 1.14 7.60 12.56
N ARG A 280 -0.14 7.84 12.71
CA ARG A 280 -0.99 8.01 11.53
C ARG A 280 -0.79 9.43 11.03
N PHE A 281 -0.35 9.58 9.79
CA PHE A 281 -0.08 10.91 9.24
C PHE A 281 -1.09 11.35 8.19
N ALA A 282 -1.97 10.45 7.74
CA ALA A 282 -3.03 10.88 6.85
C ALA A 282 -4.13 9.85 6.85
N GLN A 283 -5.33 10.31 6.55
CA GLN A 283 -6.52 9.47 6.40
C GLN A 283 -7.22 9.89 5.12
N LEU A 284 -7.52 8.93 4.28
CA LEU A 284 -8.18 9.18 3.00
C LEU A 284 -9.56 8.53 3.03
N GLU A 285 -10.60 9.34 3.11
CA GLU A 285 -11.95 8.86 2.83
C GLU A 285 -12.06 8.82 1.33
N LEU A 286 -12.16 7.61 0.76
CA LEU A 286 -11.94 7.51 -0.67
C LEU A 286 -13.01 8.24 -1.46
N ALA A 287 -14.21 8.39 -0.92
CA ALA A 287 -15.30 9.07 -1.59
C ALA A 287 -15.26 10.59 -1.47
N ARG A 288 -14.26 11.16 -0.79
CA ARG A 288 -14.34 12.58 -0.43
C ARG A 288 -14.08 13.46 -1.64
N ALA A 289 -14.80 14.57 -1.70
CA ALA A 289 -14.60 15.55 -2.76
C ALA A 289 -13.18 16.05 -2.76
N GLY A 290 -12.62 16.22 -3.96
CA GLY A 290 -11.30 16.80 -4.07
C GLY A 290 -10.15 15.82 -3.94
N LEU A 291 -10.41 14.54 -3.70
CA LEU A 291 -9.27 13.66 -3.45
C LEU A 291 -8.40 13.53 -4.70
N GLU A 292 -9.01 13.54 -5.88
CA GLU A 292 -8.23 13.47 -7.11
C GLU A 292 -7.18 14.57 -7.15
N GLN A 293 -7.58 15.80 -6.81
CA GLN A 293 -6.65 16.94 -6.78
C GLN A 293 -5.64 16.81 -5.66
N GLU A 294 -6.06 16.27 -4.51
CA GLU A 294 -5.14 16.07 -3.40
C GLU A 294 -4.05 15.06 -3.75
N LEU A 295 -4.37 14.04 -4.54
CA LEU A 295 -3.36 13.07 -4.96
C LEU A 295 -2.30 13.73 -5.84
N GLU A 296 -2.70 14.66 -6.69
CA GLU A 296 -1.73 15.33 -7.56
C GLU A 296 -0.85 16.28 -6.76
N ALA A 297 -1.42 16.97 -5.78
CA ALA A 297 -0.68 17.94 -4.98
C ALA A 297 0.14 17.28 -3.89
N GLY A 298 -0.20 16.06 -3.49
CA GLY A 298 0.47 15.38 -2.39
C GLY A 298 -0.44 15.09 -1.22
N VAL A 299 -0.37 13.85 -0.74
CA VAL A 299 -1.10 13.37 0.41
C VAL A 299 -0.10 13.15 1.53
N GLY A 300 -0.37 13.70 2.70
CA GLY A 300 0.50 13.41 3.82
C GLY A 300 0.23 14.34 4.98
N GLY A 301 1.22 14.44 5.85
CA GLY A 301 1.08 15.25 7.05
C GLY A 301 2.30 15.11 7.92
N ARG A 302 2.24 15.83 9.03
CA ARG A 302 3.35 15.88 9.95
C ARG A 302 3.23 14.72 10.93
N PHE A 303 4.35 14.42 11.58
CA PHE A 303 4.35 13.42 12.62
C PHE A 303 5.37 13.80 13.69
N ARG A 304 5.17 13.25 14.88
CA ARG A 304 6.12 13.41 15.96
C ARG A 304 6.10 12.14 16.78
N CYS A 305 7.25 11.75 17.31
CA CYS A 305 7.29 10.54 18.11
C CYS A 305 8.55 10.55 18.98
N SER A 306 8.63 9.59 19.91
CA SER A 306 9.73 9.51 20.86
C SER A 306 10.30 8.09 20.86
N CYS A 307 11.61 7.97 20.70
CA CYS A 307 12.24 6.67 20.50
C CYS A 307 12.15 5.76 21.73
N TYR A 308 12.01 4.47 21.46
CA TYR A 308 11.84 3.48 22.52
C TYR A 308 13.14 3.18 23.26
N GLY A 309 14.27 3.26 22.58
CA GLY A 309 15.51 2.85 23.20
C GLY A 309 16.70 3.20 22.36
N SER A 310 17.89 2.87 22.87
CA SER A 310 19.10 3.20 22.15
C SER A 310 19.28 2.26 20.97
N ALA A 311 19.50 2.82 19.80
CA ALA A 311 19.56 2.03 18.57
C ALA A 311 20.08 2.93 17.47
N PRO A 312 20.60 2.34 16.39
CA PRO A 312 20.83 3.14 15.18
C PRO A 312 19.52 3.38 14.44
N LEU A 313 19.17 4.65 14.25
CA LEU A 313 18.02 5.03 13.45
C LEU A 313 18.41 4.95 11.97
N HIS A 314 17.72 4.09 11.21
CA HIS A 314 18.04 3.95 9.80
C HIS A 314 17.12 4.75 8.89
N GLY A 315 16.01 5.21 9.40
CA GLY A 315 15.07 5.93 8.58
C GLY A 315 13.68 5.66 9.07
N PHE A 316 12.74 5.57 8.11
CA PHE A 316 11.33 5.46 8.44
C PHE A 316 10.68 4.43 7.55
N ALA A 317 9.68 3.73 8.07
CA ALA A 317 8.84 2.86 7.27
C ALA A 317 7.46 3.48 7.16
N VAL A 318 6.88 3.35 5.98
CA VAL A 318 5.54 3.83 5.68
C VAL A 318 4.70 2.64 5.26
N TRP A 319 3.50 2.59 5.78
CA TRP A 319 2.57 1.52 5.45
C TRP A 319 1.16 2.08 5.56
N PHE A 320 0.19 1.24 5.26
CA PHE A 320 -1.17 1.67 5.26
C PHE A 320 -2.09 0.60 5.80
N GLN A 321 -3.32 1.01 6.04
CA GLN A 321 -4.42 0.09 6.22
C GLN A 321 -5.58 0.62 5.39
N VAL A 322 -6.51 -0.27 5.08
CA VAL A 322 -7.76 0.11 4.48
C VAL A 322 -8.88 -0.53 5.30
N THR A 323 -10.02 0.15 5.29
CA THR A 323 -11.17 -0.23 6.09
C THR A 323 -12.35 -0.50 5.18
N PHE A 324 -13.00 -1.65 5.41
CA PHE A 324 -14.23 -2.00 4.75
C PHE A 324 -15.38 -1.61 5.68
N PRO A 325 -16.29 -0.74 5.25
CA PRO A 325 -17.43 -0.38 6.09
C PRO A 325 -18.21 -1.60 6.53
N GLY A 326 -18.95 -1.46 7.62
CA GLY A 326 -19.76 -2.54 8.15
C GLY A 326 -21.23 -2.21 8.18
N GLU A 330 -21.15 -4.65 12.60
CA GLU A 330 -21.01 -3.22 12.31
C GLU A 330 -19.64 -2.68 12.69
N LYS A 331 -18.76 -3.55 13.18
CA LYS A 331 -17.40 -3.14 13.51
C LYS A 331 -16.51 -3.32 12.30
N PRO A 332 -15.92 -2.25 11.77
CA PRO A 332 -15.31 -2.33 10.44
C PRO A 332 -14.15 -3.30 10.40
N LEU A 333 -13.97 -3.93 9.24
CA LEU A 333 -12.85 -4.82 9.05
C LEU A 333 -11.70 -4.02 8.45
N VAL A 334 -10.52 -4.17 9.04
CA VAL A 334 -9.33 -3.42 8.65
C VAL A 334 -8.34 -4.41 8.05
N LEU A 335 -7.82 -4.07 6.91
CA LEU A 335 -6.71 -4.80 6.29
C LEU A 335 -5.47 -3.94 6.53
N SER A 336 -4.54 -4.46 7.32
CA SER A 336 -3.37 -3.68 7.70
C SER A 336 -2.10 -4.25 7.06
N THR A 337 -1.16 -3.36 6.76
CA THR A 337 0.16 -3.75 6.26
C THR A 337 1.27 -3.35 7.24
N SER A 338 0.91 -3.13 8.49
CA SER A 338 1.84 -2.76 9.53
C SER A 338 2.85 -3.87 9.76
N PRO A 339 4.09 -3.53 10.06
CA PRO A 339 5.04 -4.55 10.44
C PRO A 339 4.68 -5.22 11.74
N LEU A 340 3.79 -4.64 12.54
CA LEU A 340 3.34 -5.29 13.76
C LEU A 340 2.27 -6.35 13.54
N HIS A 341 1.78 -6.46 12.32
CA HIS A 341 0.69 -7.35 11.97
C HIS A 341 1.18 -8.38 10.97
N PRO A 342 0.39 -9.43 10.69
CA PRO A 342 0.87 -10.47 9.79
C PRO A 342 1.32 -9.89 8.46
N ALA A 343 2.40 -10.47 7.94
CA ALA A 343 3.01 -9.98 6.71
C ALA A 343 2.02 -10.05 5.56
N THR A 344 2.14 -9.11 4.64
CA THR A 344 1.38 -9.14 3.40
C THR A 344 2.33 -8.92 2.23
N HIS A 345 1.78 -9.10 1.03
CA HIS A 345 2.60 -8.91 -0.16
C HIS A 345 2.91 -7.44 -0.41
N TRP A 346 2.25 -6.51 0.29
CA TRP A 346 2.60 -5.10 0.17
C TRP A 346 3.85 -4.73 0.97
N LYS A 347 4.23 -5.56 1.95
CA LYS A 347 5.38 -5.30 2.79
C LYS A 347 5.24 -3.90 3.39
N GLN A 348 6.34 -3.15 3.47
CA GLN A 348 6.31 -1.72 3.83
C GLN A 348 7.25 -0.99 2.89
N ALA A 349 7.11 0.35 2.83
CA ALA A 349 7.94 1.20 2.00
C ALA A 349 8.95 1.87 2.92
N LEU A 350 10.23 1.59 2.70
CA LEU A 350 11.26 2.06 3.60
C LEU A 350 12.00 3.25 3.05
N LEU A 351 12.24 4.22 3.91
CA LEU A 351 12.84 5.50 3.56
C LEU A 351 14.10 5.60 4.40
N TYR A 352 15.23 5.26 3.80
CA TYR A 352 16.47 5.22 4.54
C TYR A 352 17.13 6.59 4.52
N LEU A 353 17.65 7.00 5.67
CA LEU A 353 18.52 8.15 5.74
C LEU A 353 19.86 7.80 5.07
N ASN A 354 20.66 8.82 4.77
CA ASN A 354 21.93 8.56 4.08
C ASN A 354 22.89 7.72 4.91
N GLU A 355 22.80 7.83 6.22
CA GLU A 355 23.60 7.00 7.12
C GLU A 355 22.84 6.88 8.42
N PRO A 356 23.12 5.84 9.21
CA PRO A 356 22.40 5.66 10.48
C PRO A 356 22.73 6.79 11.45
N VAL A 357 21.73 7.13 12.26
CA VAL A 357 21.84 8.18 13.27
C VAL A 357 21.64 7.51 14.63
N PRO A 358 22.59 7.57 15.54
CA PRO A 358 22.36 6.98 16.85
C PRO A 358 21.28 7.76 17.58
N VAL A 359 20.36 7.03 18.21
CA VAL A 359 19.34 7.61 19.07
C VAL A 359 19.30 6.84 20.38
N GLU A 360 18.58 7.40 21.36
CA GLU A 360 18.43 6.81 22.69
C GLU A 360 16.97 6.82 23.06
N GLN A 361 16.67 6.21 24.20
CA GLN A 361 15.33 6.28 24.73
C GLN A 361 14.92 7.73 24.84
N ASP A 362 13.74 8.04 24.31
CA ASP A 362 13.10 9.35 24.42
C ASP A 362 13.69 10.38 23.44
N THR A 363 14.55 9.99 22.52
CA THR A 363 14.92 10.93 21.49
C THR A 363 13.70 11.33 20.68
N ASP A 364 13.47 12.63 20.58
CA ASP A 364 12.33 13.16 19.86
C ASP A 364 12.64 13.13 18.37
N ILE A 365 11.67 12.66 17.59
CA ILE A 365 11.75 12.68 16.14
C ILE A 365 10.47 13.30 15.63
N SER A 366 10.60 14.25 14.72
CA SER A 366 9.43 14.85 14.11
C SER A 366 9.72 15.03 12.62
N GLY A 367 8.67 15.31 11.86
CA GLY A 367 8.87 15.40 10.44
C GLY A 367 7.55 15.51 9.71
N GLU A 368 7.66 15.35 8.40
CA GLU A 368 6.51 15.44 7.54
C GLU A 368 6.75 14.50 6.38
N ILE A 369 5.72 13.82 5.96
CA ILE A 369 5.77 12.84 4.87
C ILE A 369 4.72 13.24 3.87
N THR A 370 5.09 13.30 2.60
CA THR A 370 4.17 13.62 1.53
C THR A 370 4.37 12.58 0.44
N LEU A 371 3.28 11.93 0.06
CA LEU A 371 3.28 11.03 -1.09
C LEU A 371 2.76 11.76 -2.30
N LEU A 372 3.52 11.67 -3.38
CA LEU A 372 3.29 12.46 -4.57
C LEU A 372 3.48 11.58 -5.79
N PRO A 373 2.89 11.99 -6.91
CA PRO A 373 3.27 11.42 -8.20
C PRO A 373 4.66 11.90 -8.58
N SER A 374 5.38 11.05 -9.28
CA SER A 374 6.63 11.51 -9.86
C SER A 374 6.31 12.42 -11.05
N PRO A 375 7.12 13.44 -11.29
CA PRO A 375 6.74 14.45 -12.31
C PRO A 375 6.68 13.87 -13.71
N ASP A 376 7.59 12.98 -14.06
CA ASP A 376 7.50 12.33 -15.36
C ASP A 376 6.28 11.40 -15.45
N ASN A 377 5.88 10.80 -14.34
CA ASN A 377 5.01 9.63 -14.38
C ASN A 377 4.26 9.54 -13.08
N PRO A 378 3.00 9.99 -13.04
CA PRO A 378 2.24 9.95 -11.78
C PRO A 378 2.06 8.58 -11.23
N ARG A 379 2.35 7.54 -12.02
CA ARG A 379 2.18 6.18 -11.53
C ARG A 379 3.38 5.72 -10.70
N ARG A 380 4.49 6.43 -10.76
CA ARG A 380 5.63 6.09 -9.94
C ARG A 380 5.58 6.92 -8.66
N LEU A 381 5.60 6.25 -7.53
CA LEU A 381 5.44 6.94 -6.24
C LEU A 381 6.69 7.70 -5.88
N ARG A 382 6.47 8.94 -5.43
CA ARG A 382 7.50 9.81 -4.88
C ARG A 382 7.12 10.08 -3.44
N ILE A 383 8.11 10.08 -2.55
CA ILE A 383 7.86 10.43 -1.15
C ILE A 383 8.85 11.48 -0.73
N LEU A 384 8.33 12.59 -0.27
CA LEU A 384 9.12 13.70 0.27
C LEU A 384 9.10 13.61 1.78
N LEU A 385 10.29 13.48 2.33
CA LEU A 385 10.52 13.32 3.76
C LEU A 385 11.23 14.54 4.31
N ARG A 386 10.66 15.12 5.36
CA ARG A 386 11.33 16.10 6.19
C ARG A 386 11.40 15.49 7.58
N TYR A 387 12.55 15.59 8.22
CA TYR A 387 12.69 14.96 9.51
C TYR A 387 13.70 15.70 10.36
N LYS A 388 13.45 15.65 11.65
CA LYS A 388 14.32 16.26 12.63
C LYS A 388 14.48 15.26 13.76
N VAL A 389 15.73 14.90 14.03
CA VAL A 389 16.09 13.90 15.01
C VAL A 389 16.76 14.60 16.16
N GLY A 390 16.12 14.57 17.32
CA GLY A 390 16.68 15.18 18.52
C GLY A 390 17.04 16.63 18.28
N ASP A 391 18.27 16.99 18.63
CA ASP A 391 18.73 18.36 18.50
C ASP A 391 19.30 18.66 17.13
N HIS A 392 19.44 17.65 16.27
CA HIS A 392 19.94 17.87 14.93
C HIS A 392 19.02 18.81 14.17
N GLU A 393 19.57 19.43 13.13
CA GLU A 393 18.79 20.29 12.27
C GLU A 393 17.81 19.44 11.45
N GLU A 394 16.71 20.08 11.03
CA GLU A 394 15.77 19.41 10.15
C GLU A 394 16.45 19.13 8.83
N LYS A 395 16.23 17.93 8.30
CA LYS A 395 16.77 17.55 7.00
C LYS A 395 15.62 17.15 6.09
N THR A 396 15.92 17.13 4.80
CA THR A 396 14.96 16.72 3.77
C THR A 396 15.59 15.67 2.89
N LYS A 397 14.78 14.70 2.49
CA LYS A 397 15.23 13.70 1.51
C LYS A 397 14.04 13.35 0.63
N ASP A 398 14.27 13.37 -0.67
CA ASP A 398 13.23 13.23 -1.68
C ASP A 398 13.41 11.87 -2.37
N PHE A 399 12.49 10.94 -2.13
CA PHE A 399 12.63 9.55 -2.58
C PHE A 399 11.71 9.24 -3.74
N ALA A 400 12.11 8.25 -4.56
CA ALA A 400 11.24 7.75 -5.62
C ALA A 400 11.33 6.23 -5.67
N MET A 401 10.22 5.63 -6.05
CA MET A 401 10.06 4.20 -5.95
C MET A 401 11.14 3.44 -6.71
N GLU A 402 11.65 2.37 -6.08
CA GLU A 402 12.62 1.50 -6.71
C GLU A 402 12.01 0.75 -7.89
N4 78G B . -5.76 0.49 -13.74
C19 78G B . -7.60 -8.12 -8.64
C21 78G B . -4.30 -3.88 -10.42
C22 78G B . -4.73 -4.85 -9.35
O6 78G B . -6.47 -10.07 -9.44
C20 78G B . -7.30 -9.62 -8.54
N5 78G B . -4.33 -6.26 -9.66
O7 78G B . -7.86 -10.32 -7.74
C1 78G B . -7.90 0.86 -15.09
C10 78G B . -3.32 -6.75 -8.67
C11 78G B . -1.99 -6.09 -8.84
C12 78G B . -1.15 -6.23 -10.01
C13 78G B . 0.61 -5.05 -8.99
C14 78G B . -1.46 -5.36 -7.82
C15 78G B . 0.20 -3.95 -6.76
C16 78G B . 1.84 -4.38 -5.13
C17 78G B . -5.50 -7.19 -9.79
C18 78G B . -6.32 -7.26 -8.51
C2 78G B . -6.89 0.11 -14.45
C3 78G B . -7.02 -1.27 -14.46
C4 78G B . -8.92 -1.16 -15.58
C5 78G B . -5.23 -0.66 -13.37
C6 78G B . -5.62 -3.16 -13.53
C7 78G B . -4.91 -4.40 -11.70
C8 78G B . -3.91 -4.67 -12.83
C9 78G B . -4.18 -3.54 -13.82
N1 78G B . -8.02 -1.98 -15.02
N10 78G B . -8.50 -7.71 -7.54
N2 78G B . -8.91 0.18 -15.64
N3 78G B . -5.94 -1.76 -13.77
N6 78G B . -7.85 2.19 -15.23
N7 78G B . 0.09 -5.73 -10.06
N8 78G B . -0.21 -4.83 -7.88
N9 78G B . -1.63 -6.83 -11.11
O1 78G B . -5.84 -3.40 -12.17
O2 78G B . -4.10 -4.06 -15.13
O3 78G B . -4.14 -5.97 -13.41
O4 78G B . 0.54 -4.67 -5.61
O5 78G B . 1.81 -4.73 -8.93
H25 78G B . -8.08 -7.88 -9.59
H29 78G B . -4.66 -2.87 -10.23
H30 78G B . -3.22 -3.80 -10.54
H32 78G B . -5.80 -4.80 -9.20
H31 78G B . -4.31 -4.57 -8.38
H28 78G B . -6.30 -11.04 -9.35
H10 78G B . -3.23 -7.83 -8.75
H9 78G B . -3.69 -6.59 -7.65
H13 78G B . -2.02 -5.19 -6.91
H16 78G B . 1.07 -3.38 -7.07
H17 78G B . -0.59 -3.21 -6.60
H20 78G B . 2.65 -4.53 -5.83
H19 78G B . 1.81 -3.33 -4.87
H18 78G B . 2.04 -4.97 -4.24
H22 78G B . -6.13 -6.89 -10.62
H21 78G B . -5.15 -8.19 -10.05
H23 78G B . -6.64 -6.27 -8.18
H24 78G B . -5.73 -7.65 -7.69
H1 78G B . -9.78 -1.65 -16.03
H2 78G B . -4.31 -0.72 -12.79
H3 78G B . -6.33 -3.76 -14.10
H4 78G B . -5.53 -5.28 -11.48
H5 78G B . -2.90 -4.62 -12.46
H6 78G B . -3.45 -2.71 -13.73
H26 78G B . -9.49 -7.77 -7.76
H27 78G B . -8.29 -8.16 -6.65
H12 78G B . -8.58 2.70 -15.71
H11 78G B . -7.06 2.73 -14.88
H14 78G B . -1.63 -6.36 -12.01
H15 78G B . -2.31 -7.56 -11.02
H7 78G B . -3.96 -3.32 -15.77
H8 78G B . -4.01 -6.62 -12.66
H33 78G B . -3.87 -6.27 -10.58
#